data_2PQ6
#
_entry.id   2PQ6
#
_cell.length_a   57.997
_cell.length_b   82.961
_cell.length_c   95.411
_cell.angle_alpha   90.00
_cell.angle_beta   90.00
_cell.angle_gamma   90.00
#
_symmetry.space_group_name_H-M   'P 21 21 21'
#
loop_
_entity.id
_entity.type
_entity.pdbx_description
1 polymer UDP-glucuronosyl/UDP-glucosyltransferase
2 water water
#
_entity_poly.entity_id   1
_entity_poly.type   'polypeptide(L)'
_entity_poly.pdbx_seq_one_letter_code
;MGNFANRKPHVVMIPYPVQGHINPLFKLAKLLHLRGFHITFVNTEYNHKRLLKSRGPKAFDGFTDFNFESIPDGLTPMEG
DGDVSQDVPTLCQSVRKNFLKPYCELLTRLNHSTNVPPVTCLVSDCCMSFTIQAAEEFELPNVLYFSSSACSLLNVMHFR
SFVERGIIPFKDESYLTNGCLETKVDWIPGLKNFRLKDIVDFIRTTNPNDIMLEFFIEVADRVNKDTTILLNTFNELESD
VINALSSTIPSIYPIGPLPSLLKQTPQIHQLDSLDSNLWKEDTECLDWLESKEPGSVVYVNFGSTTVMTPEQLLEFAWGL
ANCKKSFLWIIRPDLVIGGSVIFSSEFTNEIADRGLIASWCPQDKVLNHPSIGGFLTHCGWNSTTESICAGVPMLCWPFF
ADQPTDCRFICNEWEIGMEIDTNVKREELAKLINEVIAGDKGKKMKQKAMELKKKAEENTRPGGCSYMNLNKVIKDVLLK
QN
;
_entity_poly.pdbx_strand_id   A
#
# COMPACT_ATOMS: atom_id res chain seq x y z
N LYS A 8 -10.23 10.46 -29.28
CA LYS A 8 -9.87 9.30 -28.41
C LYS A 8 -9.52 9.80 -27.02
N PRO A 9 -9.98 9.07 -25.98
CA PRO A 9 -9.66 9.51 -24.62
C PRO A 9 -8.17 9.36 -24.36
N HIS A 10 -7.57 10.38 -23.73
CA HIS A 10 -6.16 10.37 -23.43
C HIS A 10 -5.97 10.79 -21.98
N VAL A 11 -5.53 9.85 -21.14
CA VAL A 11 -5.33 10.16 -19.74
C VAL A 11 -3.87 10.25 -19.35
N VAL A 12 -3.52 11.28 -18.59
CA VAL A 12 -2.16 11.44 -18.12
C VAL A 12 -2.20 10.97 -16.67
N MET A 13 -1.36 9.99 -16.37
CA MET A 13 -1.33 9.42 -15.04
C MET A 13 0.02 9.66 -14.35
N ILE A 14 -0.02 10.08 -13.09
CA ILE A 14 1.23 10.32 -12.36
C ILE A 14 1.13 9.86 -10.91
N PRO A 15 2.03 8.95 -10.51
CA PRO A 15 2.01 8.45 -9.13
C PRO A 15 3.07 9.12 -8.29
N TYR A 16 2.93 9.01 -6.97
CA TYR A 16 3.94 9.56 -6.08
C TYR A 16 5.15 8.69 -6.45
N PRO A 17 6.36 9.29 -6.55
CA PRO A 17 7.63 8.65 -6.90
C PRO A 17 8.24 7.49 -6.10
N VAL A 18 7.42 6.58 -5.60
CA VAL A 18 7.95 5.42 -4.88
C VAL A 18 7.23 4.18 -5.41
N GLN A 19 7.94 3.06 -5.43
CA GLN A 19 7.38 1.82 -5.96
C GLN A 19 6.00 1.48 -5.40
N GLY A 20 5.82 1.70 -4.10
CA GLY A 20 4.54 1.40 -3.47
C GLY A 20 3.35 2.17 -4.02
N HIS A 21 3.63 3.27 -4.71
CA HIS A 21 2.58 4.09 -5.31
C HIS A 21 2.56 3.87 -6.82
N ILE A 22 3.73 3.68 -7.41
CA ILE A 22 3.81 3.44 -8.84
C ILE A 22 3.09 2.15 -9.25
N ASN A 23 3.35 1.06 -8.52
CA ASN A 23 2.73 -0.23 -8.83
C ASN A 23 1.20 -0.22 -8.91
N PRO A 24 0.52 0.24 -7.85
CA PRO A 24 -0.95 0.23 -7.97
C PRO A 24 -1.50 1.10 -9.11
N LEU A 25 -0.92 2.28 -9.30
CA LEU A 25 -1.39 3.16 -10.37
C LEU A 25 -1.11 2.54 -11.73
N PHE A 26 -0.02 1.80 -11.83
CA PHE A 26 0.31 1.16 -13.09
C PHE A 26 -0.75 0.12 -13.43
N LYS A 27 -1.18 -0.62 -12.42
CA LYS A 27 -2.21 -1.63 -12.61
C LYS A 27 -3.47 -0.95 -13.11
N LEU A 28 -3.81 0.19 -12.51
CA LEU A 28 -5.00 0.92 -12.94
C LEU A 28 -4.78 1.33 -14.40
N ALA A 29 -3.57 1.75 -14.72
CA ALA A 29 -3.22 2.17 -16.08
C ALA A 29 -3.54 1.06 -17.07
N LYS A 30 -3.19 -0.18 -16.73
CA LYS A 30 -3.45 -1.32 -17.61
C LYS A 30 -4.95 -1.48 -17.80
N LEU A 31 -5.71 -1.27 -16.73
CA LEU A 31 -7.17 -1.40 -16.80
C LEU A 31 -7.74 -0.31 -17.69
N LEU A 32 -7.25 0.91 -17.52
CA LEU A 32 -7.72 2.01 -18.33
C LEU A 32 -7.34 1.80 -19.80
N HIS A 33 -6.19 1.19 -20.05
CA HIS A 33 -5.75 0.96 -21.41
C HIS A 33 -6.68 -0.04 -22.08
N LEU A 34 -7.05 -1.09 -21.35
CA LEU A 34 -7.95 -2.10 -21.87
C LEU A 34 -9.30 -1.46 -22.17
N ARG A 35 -9.55 -0.30 -21.56
CA ARG A 35 -10.81 0.38 -21.75
C ARG A 35 -10.82 1.49 -22.79
N GLY A 36 -9.84 1.48 -23.69
CA GLY A 36 -9.82 2.47 -24.75
C GLY A 36 -9.07 3.79 -24.55
N PHE A 37 -8.41 3.95 -23.42
CA PHE A 37 -7.68 5.19 -23.18
C PHE A 37 -6.25 5.16 -23.70
N HIS A 38 -5.84 6.27 -24.31
CA HIS A 38 -4.46 6.39 -24.76
C HIS A 38 -3.84 6.76 -23.41
N ILE A 39 -2.73 6.11 -23.05
CA ILE A 39 -2.11 6.38 -21.76
C ILE A 39 -0.75 7.07 -21.82
N THR A 40 -0.53 8.00 -20.89
CA THR A 40 0.75 8.68 -20.75
C THR A 40 1.05 8.50 -19.26
N PHE A 41 1.98 7.62 -18.95
CA PHE A 41 2.34 7.34 -17.55
C PHE A 41 3.58 8.15 -17.24
N VAL A 42 3.48 9.01 -16.22
CA VAL A 42 4.59 9.89 -15.85
C VAL A 42 5.41 9.49 -14.62
N ASN A 43 6.62 9.03 -14.86
CA ASN A 43 7.54 8.65 -13.79
C ASN A 43 8.63 9.71 -13.67
N THR A 44 9.33 9.71 -12.54
CA THR A 44 10.44 10.64 -12.37
C THR A 44 11.58 9.95 -13.12
N GLU A 45 12.58 10.72 -13.52
CA GLU A 45 13.72 10.14 -14.24
C GLU A 45 14.25 8.93 -13.47
N TYR A 46 14.48 9.12 -12.17
CA TYR A 46 14.99 8.07 -11.31
C TYR A 46 14.18 6.78 -11.42
N ASN A 47 12.86 6.89 -11.34
CA ASN A 47 12.00 5.72 -11.43
C ASN A 47 11.87 5.20 -12.85
N HIS A 48 11.96 6.10 -13.83
CA HIS A 48 11.86 5.71 -15.22
C HIS A 48 13.07 4.85 -15.62
N LYS A 49 14.23 5.19 -15.10
CA LYS A 49 15.44 4.44 -15.41
C LYS A 49 15.33 3.02 -14.87
N ARG A 50 14.94 2.91 -13.59
CA ARG A 50 14.79 1.61 -12.94
C ARG A 50 13.85 0.67 -13.69
N LEU A 51 12.67 1.17 -14.01
CA LEU A 51 11.67 0.38 -14.71
C LEU A 51 12.18 -0.20 -16.03
N LEU A 52 13.07 0.53 -16.71
CA LEU A 52 13.62 0.05 -17.97
C LEU A 52 14.38 -1.27 -17.79
N ASP A 65 -0.23 3.48 -27.93
CA ASP A 65 -1.21 4.17 -27.11
C ASP A 65 -0.94 4.04 -25.61
N PHE A 66 0.26 3.61 -25.26
CA PHE A 66 0.66 3.49 -23.85
C PHE A 66 2.08 4.02 -23.77
N ASN A 67 2.22 5.30 -23.46
CA ASN A 67 3.54 5.92 -23.41
C ASN A 67 4.07 6.30 -22.03
N PHE A 68 5.31 5.93 -21.78
CA PHE A 68 5.99 6.26 -20.54
C PHE A 68 6.77 7.54 -20.78
N GLU A 69 6.55 8.53 -19.92
CA GLU A 69 7.28 9.79 -20.01
C GLU A 69 7.97 9.98 -18.67
N SER A 70 8.95 10.87 -18.61
CA SER A 70 9.65 11.13 -17.36
C SER A 70 9.86 12.61 -17.15
N ILE A 71 9.98 13.01 -15.89
CA ILE A 71 10.25 14.40 -15.56
C ILE A 71 11.25 14.38 -14.41
N PRO A 72 12.11 15.41 -14.32
CA PRO A 72 13.09 15.42 -13.23
C PRO A 72 12.38 15.55 -11.89
N ASP A 73 13.00 15.10 -10.81
CA ASP A 73 12.38 15.21 -9.50
C ASP A 73 13.00 16.35 -8.69
N GLY A 74 14.02 16.98 -9.26
CA GLY A 74 14.67 18.09 -8.59
C GLY A 74 15.52 17.75 -7.38
N LEU A 75 16.04 16.52 -7.33
CA LEU A 75 16.88 16.10 -6.21
C LEU A 75 18.31 15.84 -6.71
N THR A 76 19.28 15.85 -5.79
CA THR A 76 20.67 15.60 -6.15
C THR A 76 20.89 14.16 -6.55
N GLN A 86 15.17 6.61 -2.28
CA GLN A 86 15.35 8.04 -2.01
C GLN A 86 14.68 8.39 -0.68
N ASP A 87 15.08 9.53 -0.10
CA ASP A 87 14.51 9.96 1.16
C ASP A 87 13.12 10.55 0.96
N VAL A 88 12.13 9.92 1.56
CA VAL A 88 10.73 10.35 1.44
C VAL A 88 10.50 11.82 1.77
N PRO A 89 10.94 12.28 2.95
CA PRO A 89 10.74 13.70 3.32
C PRO A 89 11.33 14.64 2.26
N THR A 90 12.51 14.33 1.77
CA THR A 90 13.15 15.16 0.76
C THR A 90 12.32 15.17 -0.52
N LEU A 91 11.82 14.00 -0.92
CA LEU A 91 11.01 13.88 -2.13
C LEU A 91 9.71 14.69 -1.99
N CYS A 92 9.00 14.46 -0.89
CA CYS A 92 7.75 15.18 -0.65
C CYS A 92 8.00 16.67 -0.76
N GLN A 93 9.11 17.12 -0.17
CA GLN A 93 9.47 18.53 -0.18
C GLN A 93 9.61 19.04 -1.62
N SER A 94 10.23 18.25 -2.47
CA SER A 94 10.40 18.66 -3.87
C SER A 94 9.07 18.60 -4.62
N VAL A 95 8.24 17.60 -4.29
CA VAL A 95 6.94 17.42 -4.93
C VAL A 95 6.02 18.62 -4.71
N ARG A 96 6.18 19.30 -3.58
CA ARG A 96 5.35 20.45 -3.26
C ARG A 96 5.70 21.71 -4.04
N LYS A 97 6.89 21.74 -4.64
CA LYS A 97 7.28 22.94 -5.37
C LYS A 97 7.95 22.75 -6.72
N ASN A 98 8.62 21.62 -6.93
CA ASN A 98 9.33 21.39 -8.17
C ASN A 98 8.66 20.53 -9.25
N PHE A 99 7.44 20.06 -9.03
CA PHE A 99 6.80 19.23 -10.04
C PHE A 99 5.78 19.91 -10.95
N LEU A 100 5.07 20.91 -10.42
CA LEU A 100 4.05 21.62 -11.18
C LEU A 100 4.53 22.07 -12.56
N LYS A 101 5.64 22.81 -12.61
CA LYS A 101 6.14 23.34 -13.86
C LYS A 101 6.45 22.30 -14.94
N PRO A 102 7.39 21.38 -14.68
CA PRO A 102 7.68 20.38 -15.72
C PRO A 102 6.45 19.56 -16.09
N TYR A 103 5.55 19.36 -15.12
CA TYR A 103 4.33 18.61 -15.38
C TYR A 103 3.47 19.33 -16.40
N CYS A 104 3.24 20.64 -16.18
CA CYS A 104 2.46 21.44 -17.09
C CYS A 104 3.13 21.58 -18.46
N GLU A 105 4.46 21.66 -18.46
CA GLU A 105 5.19 21.76 -19.73
C GLU A 105 4.91 20.50 -20.54
N LEU A 106 4.87 19.37 -19.85
CA LEU A 106 4.62 18.08 -20.48
C LEU A 106 3.21 18.05 -21.08
N LEU A 107 2.23 18.57 -20.33
CA LEU A 107 0.86 18.61 -20.82
C LEU A 107 0.80 19.47 -22.08
N THR A 108 1.43 20.63 -22.03
CA THR A 108 1.45 21.54 -23.17
C THR A 108 1.99 20.82 -24.41
N ARG A 109 3.11 20.13 -24.26
CA ARG A 109 3.71 19.41 -25.37
C ARG A 109 2.82 18.31 -25.91
N LEU A 110 2.19 17.55 -25.02
CA LEU A 110 1.31 16.46 -25.44
C LEU A 110 0.13 17.00 -26.24
N ASN A 111 -0.33 18.19 -25.87
CA ASN A 111 -1.44 18.84 -26.53
C ASN A 111 -1.10 19.40 -27.90
N HIS A 112 0.20 19.58 -28.15
CA HIS A 112 0.66 20.11 -29.43
C HIS A 112 1.48 19.10 -30.20
N SER A 113 1.45 17.86 -29.75
CA SER A 113 2.19 16.80 -30.41
C SER A 113 1.36 16.25 -31.57
N THR A 114 2.04 15.81 -32.61
CA THR A 114 1.35 15.24 -33.77
C THR A 114 1.32 13.73 -33.63
N ASN A 115 2.15 13.21 -32.73
CA ASN A 115 2.26 11.78 -32.49
C ASN A 115 1.17 11.21 -31.60
N VAL A 116 0.49 12.06 -30.85
CA VAL A 116 -0.55 11.58 -29.95
C VAL A 116 -1.74 12.51 -29.89
N PRO A 117 -2.91 11.99 -29.50
CA PRO A 117 -4.12 12.81 -29.41
C PRO A 117 -4.01 13.74 -28.20
N PRO A 118 -4.77 14.84 -28.21
CA PRO A 118 -4.69 15.76 -27.06
C PRO A 118 -5.18 15.11 -25.77
N VAL A 119 -4.67 15.61 -24.65
CA VAL A 119 -5.04 15.11 -23.34
C VAL A 119 -6.49 15.46 -23.04
N THR A 120 -7.25 14.49 -22.53
CA THR A 120 -8.66 14.72 -22.23
C THR A 120 -8.94 14.62 -20.74
N CYS A 121 -8.04 13.99 -19.99
CA CYS A 121 -8.25 13.86 -18.55
C CYS A 121 -6.99 13.45 -17.80
N LEU A 122 -7.07 13.54 -16.48
CA LEU A 122 -5.94 13.19 -15.63
C LEU A 122 -6.33 12.25 -14.50
N VAL A 123 -5.50 11.24 -14.26
CA VAL A 123 -5.72 10.35 -13.13
C VAL A 123 -4.43 10.55 -12.33
N SER A 124 -4.53 11.30 -11.23
CA SER A 124 -3.38 11.62 -10.41
C SER A 124 -3.37 11.04 -9.00
N ASP A 125 -2.17 10.65 -8.56
CA ASP A 125 -1.99 10.12 -7.21
C ASP A 125 -2.36 11.28 -6.29
N CYS A 126 -3.11 10.97 -5.25
CA CYS A 126 -3.57 11.96 -4.27
C CYS A 126 -2.42 12.77 -3.66
N CYS A 127 -1.26 12.13 -3.50
CA CYS A 127 -0.11 12.79 -2.93
C CYS A 127 0.52 13.79 -3.89
N MET A 128 0.14 13.72 -5.17
CA MET A 128 0.65 14.65 -6.18
C MET A 128 -0.43 15.72 -6.34
N SER A 129 -0.76 16.37 -5.23
CA SER A 129 -1.80 17.39 -5.22
C SER A 129 -1.61 18.59 -6.13
N PHE A 130 -0.38 18.86 -6.56
CA PHE A 130 -0.14 19.98 -7.46
C PHE A 130 -0.91 19.79 -8.77
N THR A 131 -1.35 18.56 -9.04
CA THR A 131 -2.09 18.27 -10.28
C THR A 131 -3.46 18.95 -10.30
N ILE A 132 -3.99 19.23 -9.12
CA ILE A 132 -5.29 19.87 -9.01
C ILE A 132 -5.21 21.26 -9.64
N GLN A 133 -4.14 21.97 -9.33
CA GLN A 133 -3.94 23.30 -9.89
C GLN A 133 -3.79 23.17 -11.41
N ALA A 134 -2.94 22.23 -11.83
CA ALA A 134 -2.71 21.98 -13.25
C ALA A 134 -4.02 21.71 -13.99
N ALA A 135 -4.86 20.88 -13.38
CA ALA A 135 -6.15 20.53 -13.98
C ALA A 135 -7.04 21.75 -14.18
N GLU A 136 -7.05 22.66 -13.20
CA GLU A 136 -7.87 23.86 -13.32
C GLU A 136 -7.35 24.72 -14.46
N GLU A 137 -6.03 24.89 -14.53
CA GLU A 137 -5.41 25.69 -15.58
C GLU A 137 -5.67 25.13 -16.98
N PHE A 138 -5.51 23.82 -17.15
CA PHE A 138 -5.73 23.19 -18.44
C PHE A 138 -7.17 22.76 -18.67
N GLU A 139 -8.04 23.09 -17.72
CA GLU A 139 -9.45 22.74 -17.81
C GLU A 139 -9.64 21.27 -18.18
N LEU A 140 -9.16 20.40 -17.30
CA LEU A 140 -9.26 18.97 -17.50
C LEU A 140 -9.80 18.29 -16.27
N PRO A 141 -10.58 17.22 -16.46
CA PRO A 141 -11.15 16.47 -15.33
C PRO A 141 -9.96 15.77 -14.68
N ASN A 142 -9.87 15.79 -13.35
CA ASN A 142 -8.76 15.14 -12.68
C ASN A 142 -9.23 14.24 -11.54
N VAL A 143 -9.13 12.93 -11.74
CA VAL A 143 -9.55 11.98 -10.73
C VAL A 143 -8.34 11.59 -9.91
N LEU A 144 -8.46 11.68 -8.58
CA LEU A 144 -7.35 11.34 -7.71
C LEU A 144 -7.41 9.88 -7.27
N TYR A 145 -6.24 9.26 -7.16
CA TYR A 145 -6.11 7.89 -6.71
C TYR A 145 -5.32 7.92 -5.40
N PHE A 146 -5.96 7.53 -4.30
CA PHE A 146 -5.28 7.50 -3.00
C PHE A 146 -4.81 6.07 -2.92
N SER A 147 -3.52 5.88 -2.72
CA SER A 147 -2.94 4.54 -2.70
C SER A 147 -3.10 3.69 -1.44
N SER A 148 -3.59 4.27 -0.36
CA SER A 148 -3.77 3.52 0.88
C SER A 148 -5.24 3.30 1.21
N SER A 149 -5.50 2.68 2.37
CA SER A 149 -6.87 2.37 2.78
C SER A 149 -7.78 3.58 2.97
N ALA A 150 -9.08 3.33 3.04
CA ALA A 150 -10.05 4.40 3.25
C ALA A 150 -9.77 4.99 4.64
N CYS A 151 -9.39 4.14 5.58
CA CYS A 151 -9.09 4.59 6.93
C CYS A 151 -7.92 5.56 6.94
N SER A 152 -6.85 5.21 6.24
CA SER A 152 -5.67 6.06 6.16
C SER A 152 -6.07 7.43 5.60
N LEU A 153 -6.92 7.42 4.59
CA LEU A 153 -7.40 8.66 3.99
C LEU A 153 -8.14 9.49 5.03
N LEU A 154 -8.99 8.82 5.80
CA LEU A 154 -9.76 9.48 6.85
C LEU A 154 -8.80 10.09 7.88
N ASN A 155 -7.70 9.39 8.16
CA ASN A 155 -6.69 9.86 9.09
C ASN A 155 -6.07 11.14 8.53
N VAL A 156 -5.59 11.06 7.28
CA VAL A 156 -4.98 12.19 6.60
C VAL A 156 -5.90 13.41 6.54
N MET A 157 -7.18 13.18 6.29
CA MET A 157 -8.14 14.27 6.22
C MET A 157 -8.33 14.94 7.58
N HIS A 158 -7.79 14.32 8.63
CA HIS A 158 -7.92 14.88 9.96
C HIS A 158 -6.61 15.28 10.64
N PHE A 159 -5.50 15.16 9.92
CA PHE A 159 -4.21 15.53 10.47
C PHE A 159 -4.34 16.95 11.00
N ARG A 160 -4.97 17.79 10.18
CA ARG A 160 -5.19 19.18 10.51
C ARG A 160 -5.91 19.35 11.85
N SER A 161 -6.88 18.49 12.14
CA SER A 161 -7.62 18.59 13.41
C SER A 161 -6.74 18.25 14.62
N PHE A 162 -5.84 17.28 14.49
CA PHE A 162 -4.95 16.91 15.60
C PHE A 162 -4.18 18.13 16.04
N VAL A 163 -3.84 18.98 15.08
CA VAL A 163 -3.09 20.21 15.39
C VAL A 163 -4.00 21.25 16.05
N GLU A 164 -5.18 21.45 15.46
CA GLU A 164 -6.12 22.43 15.98
C GLU A 164 -6.62 22.05 17.38
N ARG A 165 -6.58 20.76 17.70
CA ARG A 165 -7.02 20.30 19.02
C ARG A 165 -5.89 20.41 20.03
N GLY A 166 -4.71 20.84 19.56
CA GLY A 166 -3.57 20.98 20.45
C GLY A 166 -2.93 19.66 20.80
N ILE A 167 -3.24 18.61 20.05
CA ILE A 167 -2.66 17.29 20.33
C ILE A 167 -1.26 17.15 19.73
N ILE A 168 -1.10 17.55 18.47
CA ILE A 168 0.21 17.48 17.82
C ILE A 168 0.56 18.85 17.26
N PRO A 169 1.86 19.15 17.13
CA PRO A 169 2.94 18.21 17.50
C PRO A 169 3.02 18.07 19.01
N PHE A 170 3.56 16.94 19.47
CA PHE A 170 3.69 16.72 20.90
C PHE A 170 4.71 17.71 21.48
N LYS A 171 4.59 17.99 22.77
CA LYS A 171 5.48 18.92 23.45
C LYS A 171 6.94 18.47 23.41
N ASP A 172 7.15 17.16 23.54
CA ASP A 172 8.51 16.60 23.52
C ASP A 172 8.45 15.08 23.32
N GLU A 173 9.62 14.44 23.25
CA GLU A 173 9.72 13.00 23.01
C GLU A 173 9.10 12.07 24.06
N SER A 174 8.71 12.61 25.21
CA SER A 174 8.12 11.78 26.25
C SER A 174 6.79 11.13 25.84
N TYR A 175 6.21 11.61 24.75
CA TYR A 175 4.94 11.08 24.27
C TYR A 175 5.12 9.63 23.83
N LEU A 176 6.36 9.26 23.55
CA LEU A 176 6.68 7.92 23.10
C LEU A 176 6.65 6.90 24.24
N THR A 177 6.75 7.39 25.48
CA THR A 177 6.78 6.50 26.63
C THR A 177 5.86 6.85 27.80
N ASN A 178 5.10 7.93 27.68
CA ASN A 178 4.20 8.33 28.77
C ASN A 178 2.79 7.76 28.62
N GLY A 179 2.58 6.93 27.61
CA GLY A 179 1.27 6.33 27.39
C GLY A 179 0.36 7.19 26.53
N CYS A 180 0.90 8.29 26.03
CA CYS A 180 0.15 9.21 25.19
C CYS A 180 -0.37 8.52 23.94
N LEU A 181 0.43 7.61 23.38
CA LEU A 181 0.02 6.90 22.17
C LEU A 181 -1.11 5.90 22.39
N GLU A 182 -1.38 5.56 23.65
CA GLU A 182 -2.47 4.63 23.96
C GLU A 182 -3.79 5.38 23.98
N THR A 183 -3.73 6.70 24.04
CA THR A 183 -4.93 7.51 24.08
C THR A 183 -5.87 7.16 22.92
N LYS A 184 -7.15 7.07 23.23
CA LYS A 184 -8.13 6.74 22.21
C LYS A 184 -8.55 7.95 21.39
N VAL A 185 -8.72 7.74 20.10
CA VAL A 185 -9.17 8.79 19.20
C VAL A 185 -10.64 8.50 18.97
N ASP A 186 -11.50 9.19 19.70
CA ASP A 186 -12.94 8.96 19.56
C ASP A 186 -13.72 10.16 19.02
N TRP A 187 -13.03 11.11 18.41
CA TRP A 187 -13.69 12.29 17.87
C TRP A 187 -13.79 12.24 16.35
N ILE A 188 -13.40 11.11 15.77
CA ILE A 188 -13.45 10.92 14.33
C ILE A 188 -14.50 9.86 14.00
N PRO A 189 -15.67 10.29 13.52
CA PRO A 189 -16.76 9.37 13.17
C PRO A 189 -16.24 8.32 12.20
N GLY A 190 -16.72 7.09 12.33
CA GLY A 190 -16.28 6.04 11.44
C GLY A 190 -15.18 5.18 12.02
N LEU A 191 -14.34 5.77 12.88
CA LEU A 191 -13.27 5.04 13.55
C LEU A 191 -13.84 4.43 14.81
N LYS A 192 -13.70 3.13 14.98
CA LYS A 192 -14.27 2.48 16.15
C LYS A 192 -13.38 2.35 17.38
N ASN A 193 -12.29 1.61 17.28
CA ASN A 193 -11.40 1.41 18.42
C ASN A 193 -9.99 1.85 18.08
N PHE A 194 -9.82 3.12 17.77
CA PHE A 194 -8.51 3.63 17.40
C PHE A 194 -7.82 4.42 18.50
N ARG A 195 -6.50 4.27 18.55
CA ARG A 195 -5.65 4.96 19.52
C ARG A 195 -4.74 5.85 18.69
N LEU A 196 -4.11 6.84 19.31
CA LEU A 196 -3.21 7.72 18.57
C LEU A 196 -2.15 6.86 17.90
N LYS A 197 -1.79 5.77 18.57
CA LYS A 197 -0.81 4.83 18.09
C LYS A 197 -1.18 4.21 16.74
N ASP A 198 -2.48 4.05 16.50
CA ASP A 198 -2.96 3.44 15.27
C ASP A 198 -3.13 4.42 14.10
N ILE A 199 -3.03 5.71 14.36
CA ILE A 199 -3.17 6.72 13.30
C ILE A 199 -1.95 6.72 12.37
N VAL A 200 -2.15 7.03 11.08
CA VAL A 200 -1.01 7.10 10.17
C VAL A 200 0.05 7.88 10.95
N ASP A 201 1.14 7.20 11.31
CA ASP A 201 2.18 7.76 12.17
C ASP A 201 2.92 9.03 11.82
N PHE A 202 2.48 9.76 10.80
CA PHE A 202 3.16 11.01 10.48
C PHE A 202 2.80 12.06 11.53
N ILE A 203 1.79 11.77 12.36
CA ILE A 203 1.39 12.70 13.42
C ILE A 203 2.40 12.63 14.55
N ARG A 204 3.18 11.55 14.59
CA ARG A 204 4.18 11.37 15.62
C ARG A 204 5.37 12.27 15.39
N THR A 205 5.25 13.52 15.81
CA THR A 205 6.31 14.49 15.65
C THR A 205 6.24 15.59 16.70
N THR A 206 7.40 16.16 17.02
CA THR A 206 7.51 17.24 17.99
C THR A 206 7.83 18.53 17.22
N ASN A 207 7.94 18.42 15.90
CA ASN A 207 8.27 19.56 15.04
C ASN A 207 7.05 20.18 14.34
N PRO A 208 6.77 21.46 14.63
CA PRO A 208 5.63 22.17 14.04
C PRO A 208 5.80 22.44 12.54
N ASN A 209 7.03 22.26 12.05
CA ASN A 209 7.31 22.46 10.63
C ASN A 209 7.70 21.13 10.01
N ASP A 210 7.24 20.04 10.63
CA ASP A 210 7.56 18.72 10.11
C ASP A 210 7.09 18.58 8.67
N ILE A 211 8.01 18.18 7.79
CA ILE A 211 7.71 18.02 6.38
C ILE A 211 6.51 17.12 6.04
N MET A 212 6.53 15.89 6.54
CA MET A 212 5.45 14.94 6.25
C MET A 212 4.10 15.43 6.70
N LEU A 213 4.02 15.88 7.95
CA LEU A 213 2.77 16.37 8.51
C LEU A 213 2.22 17.53 7.67
N GLU A 214 3.07 18.51 7.38
CA GLU A 214 2.65 19.65 6.57
C GLU A 214 2.31 19.22 5.14
N PHE A 215 3.03 18.23 4.63
CA PHE A 215 2.78 17.73 3.28
C PHE A 215 1.35 17.22 3.17
N PHE A 216 0.97 16.35 4.10
CA PHE A 216 -0.37 15.74 4.10
C PHE A 216 -1.49 16.69 4.48
N ILE A 217 -1.19 17.70 5.29
CA ILE A 217 -2.23 18.65 5.63
C ILE A 217 -2.56 19.41 4.35
N GLU A 218 -1.52 19.72 3.57
CA GLU A 218 -1.71 20.43 2.31
C GLU A 218 -2.53 19.57 1.35
N VAL A 219 -2.23 18.28 1.30
CA VAL A 219 -2.99 17.37 0.43
C VAL A 219 -4.46 17.36 0.84
N ALA A 220 -4.72 17.21 2.13
CA ALA A 220 -6.09 17.18 2.63
C ALA A 220 -6.86 18.48 2.33
N ASP A 221 -6.20 19.62 2.51
CA ASP A 221 -6.84 20.91 2.25
C ASP A 221 -7.22 21.11 0.78
N ARG A 222 -6.47 20.49 -0.12
CA ARG A 222 -6.74 20.62 -1.54
C ARG A 222 -7.90 19.76 -2.01
N VAL A 223 -8.39 18.90 -1.11
CA VAL A 223 -9.52 18.04 -1.42
C VAL A 223 -10.79 18.71 -0.91
N ASN A 224 -11.83 18.69 -1.72
CA ASN A 224 -13.11 19.29 -1.34
C ASN A 224 -14.29 18.44 -1.83
N LYS A 225 -15.50 18.99 -1.71
CA LYS A 225 -16.72 18.30 -2.10
C LYS A 225 -16.81 17.86 -3.57
N ASP A 226 -16.07 18.51 -4.45
CA ASP A 226 -16.11 18.17 -5.88
C ASP A 226 -15.02 17.21 -6.31
N THR A 227 -14.16 16.85 -5.37
CA THR A 227 -13.04 15.95 -5.65
C THR A 227 -13.48 14.48 -5.78
N THR A 228 -13.09 13.83 -6.88
CA THR A 228 -13.42 12.43 -7.07
C THR A 228 -12.17 11.63 -6.68
N ILE A 229 -12.31 10.75 -5.70
CA ILE A 229 -11.19 9.95 -5.22
C ILE A 229 -11.43 8.45 -5.24
N LEU A 230 -10.57 7.75 -5.98
CA LEU A 230 -10.62 6.30 -6.11
C LEU A 230 -9.83 5.63 -5.00
N LEU A 231 -10.37 4.55 -4.45
CA LEU A 231 -9.71 3.81 -3.38
C LEU A 231 -9.56 2.32 -3.70
N ASN A 232 -8.39 1.78 -3.41
CA ASN A 232 -8.11 0.36 -3.61
C ASN A 232 -8.64 -0.39 -2.39
N THR A 233 -9.96 -0.53 -2.31
CA THR A 233 -10.61 -1.22 -1.20
C THR A 233 -12.04 -1.54 -1.65
N PHE A 234 -12.83 -2.12 -0.74
CA PHE A 234 -14.23 -2.39 -1.05
C PHE A 234 -15.10 -2.09 0.16
N ASN A 235 -16.34 -1.68 -0.12
CA ASN A 235 -17.33 -1.33 0.90
C ASN A 235 -17.29 -2.15 2.19
N GLU A 236 -17.50 -3.46 2.06
CA GLU A 236 -17.52 -4.35 3.22
C GLU A 236 -16.25 -4.32 4.05
N LEU A 237 -15.11 -4.10 3.41
CA LEU A 237 -13.84 -4.09 4.11
C LEU A 237 -13.72 -2.90 5.08
N GLU A 238 -14.24 -1.74 4.68
CA GLU A 238 -14.13 -0.54 5.51
C GLU A 238 -15.43 0.25 5.50
N SER A 239 -16.54 -0.45 5.73
CA SER A 239 -17.87 0.16 5.70
C SER A 239 -18.06 1.46 6.48
N ASP A 240 -17.84 1.45 7.79
CA ASP A 240 -18.03 2.66 8.58
C ASP A 240 -17.10 3.80 8.19
N VAL A 241 -15.86 3.47 7.89
CA VAL A 241 -14.88 4.47 7.48
C VAL A 241 -15.31 5.12 6.17
N ILE A 242 -15.72 4.28 5.21
CA ILE A 242 -16.15 4.79 3.91
C ILE A 242 -17.37 5.68 4.05
N ASN A 243 -18.35 5.24 4.83
CA ASN A 243 -19.54 6.04 5.04
C ASN A 243 -19.15 7.38 5.66
N ALA A 244 -18.22 7.34 6.62
CA ALA A 244 -17.76 8.56 7.28
C ALA A 244 -17.10 9.52 6.29
N LEU A 245 -16.22 8.98 5.44
CA LEU A 245 -15.53 9.82 4.46
C LEU A 245 -16.51 10.44 3.48
N SER A 246 -17.51 9.67 3.06
CA SER A 246 -18.48 10.15 2.08
C SER A 246 -19.27 11.37 2.54
N SER A 247 -19.31 11.62 3.84
CA SER A 247 -20.05 12.78 4.32
C SER A 247 -19.27 14.06 4.06
N THR A 248 -17.97 13.92 3.86
CA THR A 248 -17.09 15.06 3.60
C THR A 248 -16.72 15.09 2.12
N ILE A 249 -16.48 13.90 1.56
CA ILE A 249 -16.11 13.73 0.16
C ILE A 249 -17.11 12.74 -0.44
N PRO A 250 -18.26 13.25 -0.88
CA PRO A 250 -19.29 12.40 -1.47
C PRO A 250 -18.83 11.54 -2.64
N SER A 251 -17.84 12.01 -3.40
CA SER A 251 -17.35 11.24 -4.55
C SER A 251 -16.14 10.33 -4.26
N ILE A 252 -16.17 9.61 -3.15
CA ILE A 252 -15.09 8.67 -2.84
C ILE A 252 -15.58 7.35 -3.43
N TYR A 253 -14.73 6.70 -4.21
CA TYR A 253 -15.13 5.47 -4.88
C TYR A 253 -14.23 4.25 -4.73
N PRO A 254 -14.68 3.26 -3.95
CA PRO A 254 -13.89 2.04 -3.77
C PRO A 254 -13.91 1.34 -5.13
N ILE A 255 -12.76 0.93 -5.63
CA ILE A 255 -12.71 0.23 -6.91
C ILE A 255 -11.85 -1.01 -6.81
N GLY A 256 -11.50 -1.39 -5.58
CA GLY A 256 -10.66 -2.56 -5.39
C GLY A 256 -11.35 -3.74 -4.72
N PRO A 257 -10.57 -4.72 -4.26
CA PRO A 257 -9.10 -4.74 -4.36
C PRO A 257 -8.62 -4.93 -5.80
N LEU A 258 -7.53 -4.25 -6.16
CA LEU A 258 -6.96 -4.33 -7.49
C LEU A 258 -6.61 -5.76 -7.90
N PRO A 259 -6.02 -6.55 -6.99
CA PRO A 259 -5.68 -7.94 -7.36
C PRO A 259 -6.89 -8.72 -7.89
N SER A 260 -7.98 -8.69 -7.13
CA SER A 260 -9.20 -9.39 -7.53
C SER A 260 -9.76 -8.81 -8.83
N LEU A 261 -9.69 -7.50 -8.96
CA LEU A 261 -10.19 -6.83 -10.15
C LEU A 261 -9.44 -7.27 -11.39
N LEU A 262 -8.11 -7.16 -11.37
CA LEU A 262 -7.32 -7.56 -12.53
C LEU A 262 -7.44 -9.06 -12.83
N LYS A 263 -7.51 -9.86 -11.79
CA LYS A 263 -7.63 -11.31 -11.93
C LYS A 263 -8.87 -11.67 -12.74
N GLN A 264 -9.97 -10.98 -12.46
CA GLN A 264 -11.24 -11.25 -13.14
C GLN A 264 -11.47 -10.40 -14.38
N THR A 265 -10.44 -9.69 -14.81
CA THR A 265 -10.55 -8.83 -15.99
C THR A 265 -10.21 -9.60 -17.27
N PRO A 266 -11.18 -9.71 -18.20
CA PRO A 266 -10.95 -10.42 -19.46
C PRO A 266 -9.75 -9.84 -20.21
N GLN A 267 -8.89 -10.74 -20.71
CA GLN A 267 -7.70 -10.37 -21.47
C GLN A 267 -6.61 -9.60 -20.73
N ILE A 268 -6.65 -9.62 -19.40
CA ILE A 268 -5.66 -8.89 -18.62
C ILE A 268 -4.23 -9.35 -18.89
N HIS A 269 -4.04 -10.65 -19.10
CA HIS A 269 -2.71 -11.21 -19.33
C HIS A 269 -2.00 -10.81 -20.62
N GLN A 270 -2.71 -10.20 -21.56
CA GLN A 270 -2.08 -9.77 -22.80
C GLN A 270 -1.30 -8.48 -22.55
N LEU A 271 -1.38 -7.98 -21.31
CA LEU A 271 -0.67 -6.77 -20.90
C LEU A 271 0.40 -7.20 -19.89
N ASP A 272 0.72 -8.49 -19.90
CA ASP A 272 1.71 -9.07 -18.99
C ASP A 272 3.15 -8.77 -19.43
N SER A 273 3.30 -7.79 -20.32
CA SER A 273 4.62 -7.44 -20.83
C SER A 273 4.95 -5.97 -20.65
N THR A 283 11.21 -18.23 -9.89
CA THR A 283 10.89 -19.52 -10.48
C THR A 283 11.20 -20.69 -9.53
N GLU A 284 12.44 -20.72 -9.01
CA GLU A 284 12.83 -21.81 -8.11
C GLU A 284 11.91 -21.87 -6.88
N CYS A 285 11.51 -20.71 -6.37
CA CYS A 285 10.61 -20.62 -5.21
C CYS A 285 9.35 -21.45 -5.38
N LEU A 286 8.61 -21.15 -6.43
CA LEU A 286 7.37 -21.85 -6.72
C LEU A 286 7.60 -23.35 -6.82
N ASP A 287 8.76 -23.74 -7.35
CA ASP A 287 9.10 -25.15 -7.48
C ASP A 287 9.28 -25.74 -6.08
N TRP A 288 9.96 -25.00 -5.23
CA TRP A 288 10.23 -25.42 -3.86
C TRP A 288 8.93 -25.61 -3.07
N LEU A 289 7.98 -24.71 -3.29
CA LEU A 289 6.70 -24.76 -2.61
C LEU A 289 5.76 -25.89 -3.02
N GLU A 290 5.85 -26.32 -4.27
CA GLU A 290 4.98 -27.37 -4.78
C GLU A 290 4.88 -28.65 -3.97
N SER A 291 5.96 -29.01 -3.27
CA SER A 291 5.97 -30.25 -2.49
C SER A 291 5.45 -30.08 -1.06
N LYS A 292 5.17 -28.85 -0.66
CA LYS A 292 4.70 -28.61 0.70
C LYS A 292 3.20 -28.82 0.89
N GLU A 293 2.82 -29.23 2.10
CA GLU A 293 1.41 -29.44 2.44
C GLU A 293 0.70 -28.10 2.47
N PRO A 294 -0.53 -28.04 1.95
CA PRO A 294 -1.30 -26.79 1.93
C PRO A 294 -1.39 -26.12 3.30
N GLY A 295 -1.23 -24.80 3.30
CA GLY A 295 -1.31 -24.02 4.53
C GLY A 295 -0.20 -24.25 5.55
N SER A 296 0.86 -24.95 5.16
CA SER A 296 1.95 -25.24 6.09
C SER A 296 3.17 -24.31 6.02
N VAL A 297 3.26 -23.51 4.96
CA VAL A 297 4.39 -22.63 4.80
C VAL A 297 4.10 -21.19 5.17
N VAL A 298 5.03 -20.59 5.91
CA VAL A 298 4.90 -19.19 6.30
C VAL A 298 5.76 -18.38 5.33
N TYR A 299 5.13 -17.42 4.65
CA TYR A 299 5.80 -16.57 3.69
C TYR A 299 6.26 -15.28 4.36
N VAL A 300 7.56 -14.99 4.24
CA VAL A 300 8.13 -13.79 4.84
C VAL A 300 8.73 -12.86 3.80
N ASN A 301 8.31 -11.61 3.82
CA ASN A 301 8.82 -10.63 2.86
C ASN A 301 8.57 -9.22 3.38
N PHE A 302 9.60 -8.60 3.94
CA PHE A 302 9.46 -7.25 4.47
C PHE A 302 9.78 -6.16 3.47
N GLY A 303 9.87 -6.54 2.20
CA GLY A 303 10.17 -5.58 1.15
C GLY A 303 11.59 -5.08 1.22
N SER A 304 11.99 -4.28 0.24
CA SER A 304 13.33 -3.72 0.20
C SER A 304 13.35 -2.27 0.68
N THR A 305 12.26 -1.56 0.42
CA THR A 305 12.11 -0.15 0.79
C THR A 305 12.76 0.22 2.13
N THR A 306 12.86 -0.75 3.03
CA THR A 306 13.47 -0.51 4.34
C THR A 306 14.37 -1.66 4.77
N VAL A 307 15.57 -1.32 5.24
CA VAL A 307 16.51 -2.32 5.72
C VAL A 307 16.43 -2.38 7.24
N MET A 308 16.31 -3.59 7.79
CA MET A 308 16.21 -3.73 9.22
C MET A 308 17.55 -3.87 9.91
N THR A 309 17.52 -3.82 11.24
CA THR A 309 18.70 -3.94 12.08
C THR A 309 19.22 -5.36 12.10
N PRO A 310 20.56 -5.54 12.16
CA PRO A 310 21.11 -6.90 12.20
C PRO A 310 20.63 -7.62 13.45
N GLU A 311 20.28 -6.84 14.46
CA GLU A 311 19.78 -7.37 15.72
C GLU A 311 18.39 -7.95 15.45
N GLN A 312 17.60 -7.20 14.68
CA GLN A 312 16.25 -7.63 14.32
C GLN A 312 16.37 -8.81 13.36
N LEU A 313 17.26 -8.67 12.39
CA LEU A 313 17.49 -9.69 11.40
C LEU A 313 17.76 -11.05 12.07
N LEU A 314 18.54 -11.03 13.14
CA LEU A 314 18.89 -12.26 13.86
C LEU A 314 17.70 -12.91 14.58
N GLU A 315 16.83 -12.08 15.15
CA GLU A 315 15.68 -12.60 15.87
C GLU A 315 14.66 -13.22 14.91
N PHE A 316 14.57 -12.66 13.70
CA PHE A 316 13.64 -13.20 12.71
C PHE A 316 14.16 -14.54 12.19
N ALA A 317 15.44 -14.57 11.85
CA ALA A 317 16.05 -15.79 11.34
C ALA A 317 15.85 -16.96 12.30
N TRP A 318 16.24 -16.78 13.55
CA TRP A 318 16.10 -17.87 14.52
C TRP A 318 14.67 -18.10 14.98
N GLY A 319 13.85 -17.05 14.88
CA GLY A 319 12.45 -17.18 15.24
C GLY A 319 11.81 -18.09 14.20
N LEU A 320 12.23 -17.91 12.95
CA LEU A 320 11.74 -18.70 11.84
C LEU A 320 12.26 -20.13 11.93
N ALA A 321 13.54 -20.28 12.28
CA ALA A 321 14.14 -21.59 12.40
C ALA A 321 13.55 -22.35 13.59
N ASN A 322 13.34 -21.64 14.69
CA ASN A 322 12.83 -22.27 15.90
C ASN A 322 11.35 -22.66 15.91
N CYS A 323 10.55 -22.15 14.97
CA CYS A 323 9.13 -22.49 14.95
C CYS A 323 8.89 -23.86 14.34
N LYS A 324 9.92 -24.39 13.67
CA LYS A 324 9.84 -25.72 13.06
C LYS A 324 8.85 -25.83 11.92
N LYS A 325 8.46 -24.70 11.35
CA LYS A 325 7.53 -24.70 10.22
C LYS A 325 8.29 -24.36 8.95
N SER A 326 7.82 -24.88 7.82
CA SER A 326 8.47 -24.57 6.56
C SER A 326 8.32 -23.08 6.37
N PHE A 327 9.25 -22.47 5.63
CA PHE A 327 9.16 -21.05 5.39
C PHE A 327 9.98 -20.59 4.19
N LEU A 328 9.43 -19.61 3.49
CA LEU A 328 10.07 -19.00 2.34
C LEU A 328 10.29 -17.55 2.78
N TRP A 329 11.55 -17.16 2.91
CA TRP A 329 11.88 -15.82 3.32
C TRP A 329 12.60 -15.03 2.23
N ILE A 330 11.93 -14.00 1.72
CA ILE A 330 12.50 -13.17 0.67
C ILE A 330 13.27 -12.04 1.34
N ILE A 331 14.59 -12.06 1.18
CA ILE A 331 15.44 -11.04 1.77
C ILE A 331 16.85 -10.99 1.18
N ARG A 332 17.44 -9.80 1.20
CA ARG A 332 18.80 -9.60 0.70
C ARG A 332 19.66 -9.24 1.89
N PRO A 333 20.23 -10.24 2.57
CA PRO A 333 21.08 -10.06 3.75
C PRO A 333 22.20 -9.05 3.55
N ASP A 334 22.77 -9.01 2.34
CA ASP A 334 23.85 -8.11 2.03
C ASP A 334 23.50 -6.64 2.27
N LEU A 335 22.24 -6.28 2.08
CA LEU A 335 21.81 -4.90 2.30
C LEU A 335 21.95 -4.52 3.77
N VAL A 336 21.59 -5.44 4.66
CA VAL A 336 21.70 -5.21 6.09
C VAL A 336 23.18 -5.23 6.46
N ILE A 337 23.62 -4.22 7.21
CA ILE A 337 25.02 -4.14 7.60
C ILE A 337 25.36 -5.31 8.51
N GLY A 338 26.26 -6.18 8.03
CA GLY A 338 26.65 -7.35 8.79
C GLY A 338 25.55 -8.40 8.78
N GLY A 339 24.63 -8.27 7.83
CA GLY A 339 23.51 -9.19 7.73
C GLY A 339 23.86 -10.56 7.20
N SER A 340 24.61 -10.62 6.11
CA SER A 340 25.00 -11.89 5.51
C SER A 340 25.66 -12.79 6.53
N VAL A 341 26.26 -12.18 7.55
CA VAL A 341 26.93 -12.92 8.60
C VAL A 341 25.91 -13.63 9.50
N ILE A 342 24.71 -13.06 9.62
CA ILE A 342 23.67 -13.67 10.45
C ILE A 342 23.27 -15.03 9.88
N PHE A 343 23.47 -15.20 8.57
CA PHE A 343 23.14 -16.45 7.91
C PHE A 343 24.35 -17.39 7.97
N SER A 344 24.63 -17.83 9.19
CA SER A 344 25.73 -18.71 9.48
C SER A 344 25.57 -20.11 8.91
N SER A 345 26.65 -20.88 9.01
CA SER A 345 26.61 -22.26 8.52
C SER A 345 25.71 -23.05 9.49
N GLU A 346 25.63 -22.59 10.73
CA GLU A 346 24.79 -23.23 11.74
C GLU A 346 23.32 -23.04 11.38
N PHE A 347 22.96 -21.82 11.00
CA PHE A 347 21.58 -21.49 10.62
C PHE A 347 21.20 -22.29 9.37
N THR A 348 22.05 -22.23 8.36
CA THR A 348 21.82 -22.94 7.11
C THR A 348 21.57 -24.44 7.28
N ASN A 349 22.36 -25.10 8.12
CA ASN A 349 22.17 -26.53 8.38
C ASN A 349 20.85 -26.77 9.10
N GLU A 350 20.58 -25.94 10.09
CA GLU A 350 19.36 -26.06 10.89
C GLU A 350 18.07 -26.03 10.06
N ILE A 351 17.95 -25.04 9.18
CA ILE A 351 16.75 -24.89 8.36
C ILE A 351 16.75 -25.76 7.11
N ALA A 352 17.84 -26.49 6.90
CA ALA A 352 18.01 -27.34 5.73
C ALA A 352 16.76 -27.99 5.15
N ASP A 353 15.93 -28.57 6.03
CA ASP A 353 14.73 -29.26 5.59
C ASP A 353 13.42 -28.48 5.70
N ARG A 354 13.48 -27.19 6.01
CA ARG A 354 12.25 -26.41 6.18
C ARG A 354 12.20 -25.04 5.50
N GLY A 355 13.32 -24.34 5.50
CA GLY A 355 13.29 -23.00 4.92
C GLY A 355 14.12 -22.74 3.68
N LEU A 356 13.70 -21.72 2.95
CA LEU A 356 14.36 -21.30 1.74
C LEU A 356 14.45 -19.78 1.76
N ILE A 357 15.67 -19.27 1.61
CA ILE A 357 15.87 -17.83 1.57
C ILE A 357 16.13 -17.51 0.10
N ALA A 358 15.49 -16.46 -0.39
CA ALA A 358 15.63 -16.03 -1.78
C ALA A 358 15.64 -14.50 -1.82
N SER A 359 16.21 -13.93 -2.88
CA SER A 359 16.31 -12.48 -3.02
C SER A 359 15.07 -11.82 -3.59
N TRP A 360 14.28 -12.59 -4.35
CA TRP A 360 13.07 -12.07 -4.96
C TRP A 360 12.13 -13.22 -5.31
N CYS A 361 10.88 -12.89 -5.58
CA CYS A 361 9.89 -13.89 -5.96
C CYS A 361 8.64 -13.17 -6.46
N PRO A 362 7.88 -13.78 -7.36
CA PRO A 362 6.67 -13.13 -7.86
C PRO A 362 5.63 -13.24 -6.74
N GLN A 363 5.59 -12.25 -5.87
CA GLN A 363 4.70 -12.24 -4.73
C GLN A 363 3.29 -12.75 -5.00
N ASP A 364 2.65 -12.26 -6.05
CA ASP A 364 1.30 -12.67 -6.39
C ASP A 364 1.15 -14.19 -6.43
N LYS A 365 1.97 -14.83 -7.26
CA LYS A 365 1.90 -16.29 -7.38
C LYS A 365 2.19 -16.99 -6.06
N VAL A 366 3.10 -16.44 -5.26
CA VAL A 366 3.43 -17.05 -3.99
C VAL A 366 2.27 -16.95 -3.00
N LEU A 367 1.79 -15.73 -2.76
CA LEU A 367 0.69 -15.54 -1.83
C LEU A 367 -0.49 -16.44 -2.18
N ASN A 368 -0.70 -16.65 -3.47
CA ASN A 368 -1.81 -17.49 -3.92
C ASN A 368 -1.50 -18.97 -4.05
N HIS A 369 -0.28 -19.36 -3.69
CA HIS A 369 0.08 -20.77 -3.77
C HIS A 369 -0.61 -21.46 -2.60
N PRO A 370 -1.18 -22.67 -2.83
CA PRO A 370 -1.88 -23.42 -1.78
C PRO A 370 -1.06 -23.81 -0.55
N SER A 371 0.26 -23.76 -0.68
CA SER A 371 1.13 -24.13 0.44
C SER A 371 1.23 -23.06 1.52
N ILE A 372 0.95 -21.81 1.16
CA ILE A 372 1.04 -20.70 2.09
C ILE A 372 -0.01 -20.72 3.21
N GLY A 373 0.46 -20.67 4.45
CA GLY A 373 -0.43 -20.67 5.60
C GLY A 373 -0.39 -19.35 6.35
N GLY A 374 0.60 -18.52 6.03
CA GLY A 374 0.74 -17.23 6.71
C GLY A 374 1.65 -16.27 5.97
N PHE A 375 1.50 -14.98 6.25
CA PHE A 375 2.30 -13.95 5.58
C PHE A 375 2.85 -12.93 6.60
N LEU A 376 4.16 -12.96 6.80
CA LEU A 376 4.86 -12.03 7.70
C LEU A 376 5.21 -10.79 6.88
N THR A 377 4.71 -9.64 7.31
CA THR A 377 4.93 -8.41 6.54
C THR A 377 4.84 -7.16 7.42
N HIS A 378 5.18 -6.00 6.84
CA HIS A 378 5.09 -4.71 7.53
C HIS A 378 3.64 -4.25 7.47
N CYS A 379 2.84 -4.92 6.64
CA CYS A 379 1.43 -4.63 6.48
C CYS A 379 1.10 -3.29 5.83
N GLY A 380 1.86 -2.95 4.79
CA GLY A 380 1.61 -1.73 4.04
C GLY A 380 0.35 -2.08 3.27
N TRP A 381 -0.29 -1.11 2.63
CA TRP A 381 -1.54 -1.39 1.93
C TRP A 381 -1.50 -2.41 0.77
N ASN A 382 -0.50 -2.33 -0.10
CA ASN A 382 -0.42 -3.29 -1.21
C ASN A 382 -0.30 -4.72 -0.67
N SER A 383 0.52 -4.91 0.36
CA SER A 383 0.69 -6.24 0.94
C SER A 383 -0.61 -6.73 1.58
N THR A 384 -1.27 -5.84 2.30
CA THR A 384 -2.53 -6.17 2.97
C THR A 384 -3.62 -6.61 1.99
N THR A 385 -3.86 -5.81 0.95
CA THR A 385 -4.87 -6.13 -0.06
C THR A 385 -4.54 -7.43 -0.78
N GLU A 386 -3.27 -7.63 -1.09
CA GLU A 386 -2.84 -8.84 -1.77
C GLU A 386 -3.07 -10.06 -0.90
N SER A 387 -2.76 -9.95 0.39
CA SER A 387 -2.95 -11.08 1.30
C SER A 387 -4.45 -11.35 1.44
N ILE A 388 -5.25 -10.28 1.49
CA ILE A 388 -6.70 -10.42 1.61
C ILE A 388 -7.25 -11.14 0.39
N CYS A 389 -6.78 -10.72 -0.79
CA CYS A 389 -7.23 -11.34 -2.04
C CYS A 389 -6.75 -12.78 -2.18
N ALA A 390 -5.69 -13.14 -1.46
CA ALA A 390 -5.16 -14.50 -1.50
C ALA A 390 -5.80 -15.33 -0.39
N GLY A 391 -6.52 -14.65 0.51
CA GLY A 391 -7.16 -15.30 1.63
C GLY A 391 -6.14 -15.83 2.63
N VAL A 392 -5.06 -15.09 2.80
CA VAL A 392 -3.97 -15.49 3.71
C VAL A 392 -3.82 -14.64 4.96
N PRO A 393 -3.86 -15.28 6.15
CA PRO A 393 -3.72 -14.62 7.45
C PRO A 393 -2.36 -13.95 7.54
N MET A 394 -2.25 -12.89 8.33
CA MET A 394 -0.99 -12.17 8.41
C MET A 394 -0.39 -12.04 9.79
N LEU A 395 0.87 -11.60 9.79
CA LEU A 395 1.61 -11.36 11.02
C LEU A 395 2.24 -10.02 10.69
N CYS A 396 1.76 -8.98 11.36
CA CYS A 396 2.23 -7.61 11.11
C CYS A 396 3.38 -7.11 11.99
N TRP A 397 4.30 -6.41 11.34
CA TRP A 397 5.42 -5.80 12.03
C TRP A 397 5.44 -4.36 11.50
N PRO A 398 4.49 -3.53 11.96
CA PRO A 398 4.35 -2.13 11.56
C PRO A 398 5.59 -1.28 11.79
N PHE A 399 6.08 -0.69 10.71
CA PHE A 399 7.26 0.15 10.76
C PHE A 399 6.92 1.65 10.76
N PHE A 400 6.19 2.09 9.73
CA PHE A 400 5.82 3.50 9.66
C PHE A 400 4.63 3.77 8.76
N ALA A 401 4.29 5.06 8.62
CA ALA A 401 3.18 5.51 7.78
C ALA A 401 1.85 4.84 8.14
N ASP A 402 1.18 4.27 7.15
CA ASP A 402 -0.13 3.62 7.35
C ASP A 402 -0.04 2.17 7.84
N GLN A 403 1.16 1.71 8.18
CA GLN A 403 1.34 0.34 8.63
C GLN A 403 0.66 0.04 9.97
N PRO A 404 0.81 0.92 10.98
CA PRO A 404 0.12 0.59 12.23
C PRO A 404 -1.39 0.68 12.03
N THR A 405 -1.81 1.53 11.11
CA THR A 405 -3.22 1.70 10.79
C THR A 405 -3.77 0.38 10.23
N ASP A 406 -3.04 -0.21 9.30
CA ASP A 406 -3.44 -1.48 8.69
C ASP A 406 -3.41 -2.59 9.74
N CYS A 407 -2.39 -2.56 10.59
CA CYS A 407 -2.24 -3.55 11.63
C CYS A 407 -3.43 -3.56 12.58
N ARG A 408 -3.89 -2.37 12.97
CA ARG A 408 -5.02 -2.28 13.89
C ARG A 408 -6.28 -2.93 13.33
N PHE A 409 -6.51 -2.75 12.02
CA PHE A 409 -7.66 -3.36 11.37
C PHE A 409 -7.45 -4.86 11.22
N ILE A 410 -6.26 -5.24 10.77
CA ILE A 410 -5.90 -6.64 10.58
C ILE A 410 -6.08 -7.42 11.89
N CYS A 411 -5.63 -6.82 12.99
CA CYS A 411 -5.73 -7.47 14.29
C CYS A 411 -7.08 -7.39 14.99
N ASN A 412 -7.62 -6.18 15.12
CA ASN A 412 -8.88 -5.98 15.85
C ASN A 412 -10.18 -5.90 15.06
N GLU A 413 -10.12 -5.45 13.82
CA GLU A 413 -11.34 -5.31 13.02
C GLU A 413 -11.65 -6.56 12.19
N TRP A 414 -10.74 -6.91 11.29
CA TRP A 414 -10.92 -8.07 10.42
C TRP A 414 -10.54 -9.37 11.12
N GLU A 415 -9.65 -9.26 12.11
CA GLU A 415 -9.17 -10.40 12.87
C GLU A 415 -8.59 -11.49 11.96
N ILE A 416 -7.76 -11.07 11.00
CA ILE A 416 -7.14 -12.00 10.08
C ILE A 416 -5.63 -12.03 10.31
N GLY A 417 -5.19 -11.50 11.44
CA GLY A 417 -3.77 -11.51 11.73
C GLY A 417 -3.43 -11.07 13.14
N MET A 418 -2.15 -11.13 13.48
CA MET A 418 -1.67 -10.71 14.79
C MET A 418 -0.44 -9.83 14.60
N GLU A 419 -0.10 -9.08 15.64
CA GLU A 419 1.03 -8.14 15.59
C GLU A 419 2.32 -8.59 16.26
N ILE A 420 3.45 -8.28 15.62
CA ILE A 420 4.77 -8.61 16.16
C ILE A 420 5.34 -7.38 16.85
N ASP A 421 5.90 -7.56 18.03
CA ASP A 421 6.49 -6.43 18.77
C ASP A 421 7.55 -5.73 17.94
N THR A 422 7.64 -4.41 18.10
CA THR A 422 8.63 -3.63 17.37
C THR A 422 10.00 -4.22 17.67
N ASN A 423 10.22 -4.55 18.94
CA ASN A 423 11.47 -5.14 19.37
C ASN A 423 11.30 -6.65 19.32
N VAL A 424 11.32 -7.18 18.11
CA VAL A 424 11.14 -8.61 17.87
C VAL A 424 12.13 -9.52 18.62
N LYS A 425 11.60 -10.64 19.12
CA LYS A 425 12.38 -11.63 19.86
C LYS A 425 11.93 -13.00 19.34
N ARG A 426 12.89 -13.86 19.02
CA ARG A 426 12.65 -15.18 18.48
C ARG A 426 11.64 -16.06 19.23
N GLU A 427 11.74 -16.12 20.54
CA GLU A 427 10.83 -16.96 21.33
C GLU A 427 9.37 -16.61 21.09
N GLU A 428 9.03 -15.32 21.20
CA GLU A 428 7.67 -14.87 21.00
C GLU A 428 7.26 -14.94 19.54
N LEU A 429 8.21 -14.70 18.65
CA LEU A 429 7.94 -14.74 17.23
C LEU A 429 7.55 -16.16 16.83
N ALA A 430 8.34 -17.12 17.28
CA ALA A 430 8.08 -18.53 16.98
C ALA A 430 6.68 -18.91 17.45
N LYS A 431 6.28 -18.36 18.59
CA LYS A 431 4.96 -18.64 19.14
C LYS A 431 3.87 -18.11 18.23
N LEU A 432 3.99 -16.84 17.82
CA LEU A 432 3.01 -16.22 16.93
C LEU A 432 2.87 -16.99 15.62
N ILE A 433 4.00 -17.37 15.02
CA ILE A 433 4.01 -18.11 13.77
C ILE A 433 3.25 -19.43 13.91
N ASN A 434 3.53 -20.17 14.98
CA ASN A 434 2.87 -21.44 15.20
C ASN A 434 1.37 -21.25 15.44
N GLU A 435 0.99 -20.17 16.10
CA GLU A 435 -0.41 -19.91 16.35
C GLU A 435 -1.16 -19.79 15.02
N VAL A 436 -0.59 -19.00 14.10
CA VAL A 436 -1.19 -18.80 12.79
C VAL A 436 -1.17 -20.07 11.94
N ILE A 437 -0.04 -20.75 11.93
CA ILE A 437 0.12 -21.95 11.11
C ILE A 437 -0.60 -23.20 11.62
N ALA A 438 -0.62 -23.43 12.92
CA ALA A 438 -1.27 -24.63 13.44
C ALA A 438 -2.21 -24.43 14.61
N GLY A 439 -2.17 -23.24 15.23
CA GLY A 439 -3.01 -22.96 16.36
C GLY A 439 -4.48 -22.78 16.02
N ASP A 440 -5.33 -22.70 17.04
CA ASP A 440 -6.75 -22.52 16.83
C ASP A 440 -7.06 -21.10 16.36
N LYS A 441 -6.33 -20.11 16.88
CA LYS A 441 -6.54 -18.72 16.46
C LYS A 441 -6.27 -18.62 14.97
N GLY A 442 -5.28 -19.36 14.51
CA GLY A 442 -4.93 -19.35 13.10
C GLY A 442 -6.05 -19.83 12.20
N LYS A 443 -6.74 -20.88 12.62
CA LYS A 443 -7.83 -21.43 11.81
C LYS A 443 -8.93 -20.38 11.67
N LYS A 444 -9.20 -19.66 12.75
CA LYS A 444 -10.23 -18.62 12.74
C LYS A 444 -9.83 -17.47 11.82
N MET A 445 -8.55 -17.11 11.82
CA MET A 445 -8.06 -16.02 10.97
C MET A 445 -8.11 -16.41 9.50
N LYS A 446 -7.81 -17.68 9.20
CA LYS A 446 -7.83 -18.16 7.82
C LYS A 446 -9.27 -18.12 7.34
N GLN A 447 -10.18 -18.49 8.24
CA GLN A 447 -11.61 -18.49 7.94
C GLN A 447 -12.08 -17.08 7.59
N LYS A 448 -11.72 -16.11 8.42
CA LYS A 448 -12.13 -14.73 8.18
C LYS A 448 -11.44 -14.16 6.94
N ALA A 449 -10.21 -14.60 6.69
CA ALA A 449 -9.48 -14.13 5.53
C ALA A 449 -10.18 -14.62 4.27
N MET A 450 -10.54 -15.91 4.25
CA MET A 450 -11.22 -16.49 3.10
C MET A 450 -12.55 -15.81 2.84
N GLU A 451 -13.22 -15.38 3.91
CA GLU A 451 -14.49 -14.69 3.79
C GLU A 451 -14.27 -13.35 3.09
N LEU A 452 -13.23 -12.63 3.47
CA LEU A 452 -12.92 -11.34 2.86
C LEU A 452 -12.53 -11.53 1.41
N LYS A 453 -11.80 -12.60 1.14
CA LYS A 453 -11.37 -12.92 -0.21
C LYS A 453 -12.57 -13.07 -1.14
N LYS A 454 -13.58 -13.78 -0.67
CA LYS A 454 -14.79 -14.00 -1.46
C LYS A 454 -15.53 -12.69 -1.76
N LYS A 455 -15.64 -11.81 -0.77
CA LYS A 455 -16.33 -10.55 -0.99
C LYS A 455 -15.48 -9.63 -1.87
N ALA A 456 -14.17 -9.74 -1.75
CA ALA A 456 -13.26 -8.93 -2.56
C ALA A 456 -13.49 -9.26 -4.03
N GLU A 457 -13.72 -10.54 -4.31
CA GLU A 457 -13.95 -10.99 -5.67
C GLU A 457 -15.36 -10.67 -6.19
N GLU A 458 -16.36 -10.78 -5.33
CA GLU A 458 -17.72 -10.47 -5.78
C GLU A 458 -17.82 -8.99 -6.11
N ASN A 459 -17.11 -8.16 -5.36
CA ASN A 459 -17.12 -6.72 -5.57
C ASN A 459 -16.45 -6.26 -6.86
N THR A 460 -15.47 -7.03 -7.33
CA THR A 460 -14.71 -6.66 -8.50
C THR A 460 -15.01 -7.37 -9.82
N ARG A 461 -16.28 -7.72 -10.02
CA ARG A 461 -16.71 -8.34 -11.25
C ARG A 461 -18.14 -7.85 -11.48
N PRO A 462 -18.67 -8.02 -12.70
CA PRO A 462 -20.02 -7.56 -12.99
C PRO A 462 -20.98 -7.80 -11.81
N GLY A 463 -21.79 -6.78 -11.50
CA GLY A 463 -22.72 -6.89 -10.39
C GLY A 463 -22.13 -6.34 -9.10
N GLY A 464 -20.80 -6.25 -9.03
CA GLY A 464 -20.14 -5.75 -7.83
C GLY A 464 -19.96 -4.24 -7.81
N CYS A 465 -20.03 -3.64 -6.62
CA CYS A 465 -19.90 -2.20 -6.46
C CYS A 465 -18.56 -1.59 -6.82
N SER A 466 -17.45 -2.24 -6.46
CA SER A 466 -16.14 -1.70 -6.82
C SER A 466 -16.04 -1.64 -8.34
N TYR A 467 -16.45 -2.72 -8.98
CA TYR A 467 -16.44 -2.83 -10.43
C TYR A 467 -17.32 -1.74 -11.03
N MET A 468 -18.53 -1.62 -10.51
CA MET A 468 -19.46 -0.63 -11.00
C MET A 468 -19.01 0.81 -10.77
N ASN A 469 -18.31 1.03 -9.66
CA ASN A 469 -17.82 2.37 -9.32
C ASN A 469 -16.81 2.88 -10.34
N LEU A 470 -15.91 2.02 -10.78
CA LEU A 470 -14.90 2.42 -11.76
C LEU A 470 -15.59 2.79 -13.07
N ASN A 471 -16.57 1.96 -13.48
CA ASN A 471 -17.29 2.22 -14.72
C ASN A 471 -17.98 3.59 -14.63
N LYS A 472 -18.58 3.86 -13.48
CA LYS A 472 -19.27 5.13 -13.27
C LYS A 472 -18.32 6.34 -13.33
N VAL A 473 -17.14 6.23 -12.71
CA VAL A 473 -16.19 7.33 -12.75
C VAL A 473 -15.71 7.61 -14.17
N ILE A 474 -15.46 6.56 -14.93
CA ILE A 474 -15.02 6.70 -16.31
C ILE A 474 -16.13 7.37 -17.12
N LYS A 475 -17.34 6.85 -16.98
CA LYS A 475 -18.49 7.38 -17.70
C LYS A 475 -18.88 8.81 -17.33
N ASP A 476 -19.03 9.08 -16.05
CA ASP A 476 -19.47 10.40 -15.57
C ASP A 476 -18.41 11.48 -15.37
N VAL A 477 -17.14 11.09 -15.25
CA VAL A 477 -16.10 12.07 -15.00
C VAL A 477 -14.97 12.12 -16.02
N LEU A 478 -14.28 11.00 -16.20
CA LEU A 478 -13.15 10.95 -17.14
C LEU A 478 -13.51 11.20 -18.59
N LEU A 479 -14.64 10.67 -19.04
CA LEU A 479 -15.05 10.88 -20.43
C LEU A 479 -15.80 12.21 -20.58
N LYS A 480 -15.58 12.88 -21.72
CA LYS A 480 -16.22 14.14 -22.02
C LYS A 480 -17.73 14.06 -21.89
#